data_2XBW
#
_entry.id   2XBW
#
_cell.length_a   105.680
_cell.length_b   105.680
_cell.length_c   49.650
_cell.angle_alpha   90.00
_cell.angle_beta   90.00
_cell.angle_gamma   90.00
#
_symmetry.space_group_name_H-M   'P 43 21 2'
#
loop_
_entity.id
_entity.type
_entity.pdbx_description
1 polymer 'ACTIVATED FACTOR XA HEAVY CHAIN'
2 polymer 'FACTOR X LIGHT CHAIN'
3 non-polymer '(3R,4R)-1-SULFAMOYL-PYRROLIDINE-3,4-DICARBOXYLIC ACID 3-[(4-CHLORO-PHENYL)-AMIDE] 4-{[2-FLUORO-4-(2-OXO-2H-PYRIDIN-1-YL)-PHENYL]-AMIDE}'
4 non-polymer 'CALCIUM ION'
5 non-polymer 'SODIUM ION'
6 water water
#
loop_
_entity_poly.entity_id
_entity_poly.type
_entity_poly.pdbx_seq_one_letter_code
_entity_poly.pdbx_strand_id
1 'polypeptide(L)'
;IVGGQECKDGECPWQALLINEENEGFCGGTILSEFYILTAAHCLYQAKRFKVRVGDRNTEQEEGGEAVHEVEVVIKHNRF
TKETYDFDIAVLRLKTPITFRMNVAPACLPERDWAESTLMTQKTGIVSGFGRTHEKGRQSTRLKMLEVPYVDRNSCKLSS
SFIITQNMFCAGYDTKQEDACQGDSGGPHVTRFKDTYFVTGIVSWGEGCARKGKYGIYTKVTAFLKWIDRSMKTRGLPKA
K
;
A
2 'polypeptide(L)' RKLCSLDNGDCDQFCHEEQNSVVCSCARGYTLADNGKACIPTGPYPCGKQTLERR L
#
# COMPACT_ATOMS: atom_id res chain seq x y z
N ILE A 1 -6.53 -11.56 4.49
CA ILE A 1 -7.09 -11.65 3.09
C ILE A 1 -8.04 -12.85 2.94
N VAL A 2 -9.23 -12.59 2.44
CA VAL A 2 -10.21 -13.65 2.22
C VAL A 2 -10.09 -13.96 0.74
N GLY A 3 -9.87 -15.24 0.44
CA GLY A 3 -9.70 -15.63 -0.94
C GLY A 3 -8.28 -15.26 -1.31
N GLY A 4 -8.07 -14.92 -2.59
CA GLY A 4 -6.74 -14.55 -3.02
C GLY A 4 -5.82 -15.76 -2.93
N GLN A 5 -4.52 -15.50 -2.88
CA GLN A 5 -3.52 -16.56 -2.80
C GLN A 5 -2.25 -16.11 -2.10
N GLU A 6 -1.37 -17.06 -1.81
CA GLU A 6 -0.12 -16.73 -1.13
C GLU A 6 0.85 -15.98 -2.06
N CYS A 7 1.55 -14.96 -1.57
CA CYS A 7 2.52 -14.25 -2.42
C CYS A 7 3.71 -15.18 -2.64
N LYS A 8 4.38 -15.07 -3.79
CA LYS A 8 5.53 -15.91 -4.05
C LYS A 8 6.74 -15.10 -3.61
N ASP A 9 7.91 -15.72 -3.63
CA ASP A 9 9.11 -15.03 -3.22
C ASP A 9 9.32 -13.79 -4.08
N GLY A 10 9.50 -12.65 -3.43
CA GLY A 10 9.73 -11.40 -4.13
C GLY A 10 8.52 -10.73 -4.77
N GLU A 11 7.35 -11.32 -4.62
CA GLU A 11 6.14 -10.77 -5.24
C GLU A 11 5.46 -9.58 -4.53
N CYS A 12 5.64 -9.49 -3.21
CA CYS A 12 5.03 -8.42 -2.41
C CYS A 12 6.13 -7.90 -1.48
N PRO A 13 7.26 -7.42 -2.05
CA PRO A 13 8.37 -6.96 -1.23
C PRO A 13 8.24 -5.74 -0.33
N TRP A 14 7.22 -4.93 -0.58
CA TRP A 14 7.00 -3.73 0.20
C TRP A 14 6.12 -4.02 1.42
N GLN A 15 5.72 -5.27 1.61
CA GLN A 15 4.88 -5.58 2.76
C GLN A 15 5.65 -5.47 4.08
N ALA A 16 5.05 -4.83 5.07
CA ALA A 16 5.65 -4.76 6.40
C ALA A 16 4.59 -5.30 7.37
N LEU A 17 5.03 -5.82 8.51
CA LEU A 17 4.08 -6.35 9.49
C LEU A 17 4.36 -5.69 10.82
N LEU A 18 3.33 -5.13 11.47
CA LEU A 18 3.51 -4.49 12.78
C LEU A 18 3.25 -5.63 13.78
N ILE A 19 4.19 -5.82 14.68
CA ILE A 19 4.08 -6.88 15.68
C ILE A 19 4.01 -6.31 17.10
N ASN A 20 3.11 -6.86 17.91
CA ASN A 20 2.95 -6.37 19.27
C ASN A 20 3.96 -7.04 20.23
N GLU A 21 3.82 -6.76 21.51
CA GLU A 21 4.72 -7.31 22.53
C GLU A 21 4.71 -8.84 22.55
N GLU A 22 3.58 -9.42 22.16
CA GLU A 22 3.43 -10.88 22.10
C GLU A 22 4.08 -11.41 20.84
N ASN A 23 4.74 -10.52 20.10
CA ASN A 23 5.39 -10.89 18.85
C ASN A 23 4.34 -11.39 17.86
N GLU A 24 3.12 -10.87 18.00
CA GLU A 24 2.02 -11.25 17.11
C GLU A 24 1.70 -10.11 16.13
N GLY A 25 1.50 -10.45 14.86
CA GLY A 25 1.17 -9.42 13.88
C GLY A 25 -0.24 -8.91 14.10
N PHE A 26 -0.47 -7.61 13.96
CA PHE A 26 -1.82 -7.08 14.15
C PHE A 26 -2.24 -6.07 13.10
N CYS A 27 -1.30 -5.67 12.26
CA CYS A 27 -1.59 -4.70 11.18
C CYS A 27 -0.47 -4.78 10.17
N GLY A 28 -0.71 -4.32 8.97
CA GLY A 28 0.34 -4.31 7.98
C GLY A 28 0.90 -2.91 7.81
N GLY A 29 1.88 -2.81 6.91
CA GLY A 29 2.47 -1.52 6.60
C GLY A 29 3.05 -1.66 5.19
N THR A 30 3.50 -0.54 4.64
CA THR A 30 4.12 -0.50 3.32
C THR A 30 5.48 0.18 3.42
N ILE A 31 6.50 -0.47 2.89
CA ILE A 31 7.83 0.15 2.94
C ILE A 31 7.88 1.27 1.89
N LEU A 32 8.23 2.49 2.32
CA LEU A 32 8.32 3.65 1.40
C LEU A 32 9.80 3.97 1.12
N SER A 33 10.68 3.63 2.05
CA SER A 33 12.12 3.89 1.86
C SER A 33 12.85 3.12 2.96
N GLU A 34 14.18 3.28 3.04
CA GLU A 34 14.91 2.55 4.07
C GLU A 34 14.52 2.97 5.50
N PHE A 35 14.00 4.18 5.68
CA PHE A 35 13.64 4.62 7.02
C PHE A 35 12.14 4.78 7.32
N TYR A 36 11.30 4.71 6.30
CA TYR A 36 9.86 4.95 6.50
C TYR A 36 8.89 3.86 6.08
N ILE A 37 7.91 3.67 6.95
CA ILE A 37 6.83 2.69 6.76
C ILE A 37 5.52 3.47 6.74
N LEU A 38 4.67 3.17 5.78
CA LEU A 38 3.33 3.80 5.71
C LEU A 38 2.33 2.83 6.33
N THR A 39 1.43 3.31 7.20
CA THR A 39 0.44 2.44 7.77
C THR A 39 -0.82 3.25 8.07
N ALA A 40 -1.79 2.63 8.73
CA ALA A 40 -3.02 3.30 9.05
C ALA A 40 -2.92 3.92 10.43
N ALA A 41 -3.46 5.12 10.60
CA ALA A 41 -3.47 5.74 11.94
C ALA A 41 -4.25 4.87 12.96
N HIS A 42 -5.32 4.21 12.54
CA HIS A 42 -6.09 3.45 13.53
C HIS A 42 -5.32 2.26 14.10
N CYS A 43 -4.30 1.83 13.40
CA CYS A 43 -3.49 0.71 13.87
C CYS A 43 -2.68 1.08 15.12
N LEU A 44 -2.31 2.34 15.22
CA LEU A 44 -1.51 2.81 16.35
C LEU A 44 -2.23 2.70 17.69
N TYR A 45 -3.54 2.51 17.66
CA TYR A 45 -4.34 2.41 18.88
C TYR A 45 -4.39 0.98 19.46
N GLN A 46 -3.99 0.01 18.65
CA GLN A 46 -4.07 -1.37 19.10
C GLN A 46 -2.96 -1.87 20.01
N ALA A 47 -1.74 -1.37 19.83
CA ALA A 47 -0.64 -1.80 20.68
C ALA A 47 0.19 -0.61 21.12
N LYS A 48 0.29 -0.41 22.43
CA LYS A 48 1.07 0.69 22.99
C LYS A 48 2.51 0.62 22.47
N ARG A 49 3.02 -0.59 22.38
CA ARG A 49 4.38 -0.78 21.92
C ARG A 49 4.37 -1.82 20.82
N PHE A 50 5.03 -1.51 19.71
CA PHE A 50 5.09 -2.44 18.61
C PHE A 50 6.37 -2.24 17.84
N LYS A 51 6.72 -3.23 17.04
CA LYS A 51 7.91 -3.14 16.23
C LYS A 51 7.49 -3.50 14.83
N VAL A 52 8.43 -3.40 13.89
CA VAL A 52 8.10 -3.71 12.50
C VAL A 52 8.94 -4.86 11.96
N ARG A 53 8.30 -5.83 11.32
CA ARG A 53 9.04 -6.93 10.73
C ARG A 53 8.92 -6.81 9.20
N VAL A 54 10.04 -6.96 8.50
CA VAL A 54 10.03 -6.93 7.05
C VAL A 54 10.59 -8.27 6.57
N GLY A 55 10.32 -8.57 5.31
CA GLY A 55 10.79 -9.80 4.70
C GLY A 55 10.17 -11.12 5.12
N ASP A 56 9.11 -11.08 5.93
CA ASP A 56 8.48 -12.32 6.37
C ASP A 56 7.38 -12.75 5.42
N ARG A 57 7.30 -14.05 5.15
CA ARG A 57 6.23 -14.54 4.29
C ARG A 57 5.45 -15.64 4.98
N ASN A 58 6.04 -16.18 6.06
CA ASN A 58 5.44 -17.25 6.85
C ASN A 58 5.74 -16.93 8.31
N THR A 59 4.72 -16.59 9.08
CA THR A 59 4.97 -16.21 10.48
C THR A 59 5.28 -17.39 11.40
N GLU A 60 5.15 -18.62 10.91
CA GLU A 60 5.45 -19.78 11.74
C GLU A 60 6.85 -20.33 11.51
N GLN A 61 7.56 -19.79 10.53
CA GLN A 61 8.91 -20.23 10.25
C GLN A 61 9.82 -19.02 10.06
N GLU A 62 11.00 -19.04 10.67
CA GLU A 62 11.92 -17.93 10.52
C GLU A 62 12.74 -18.25 9.27
N GLU A 63 12.66 -17.40 8.26
CA GLU A 63 13.41 -17.66 7.04
C GLU A 63 14.35 -16.54 6.65
N GLY A 64 15.32 -16.86 5.81
CA GLY A 64 16.28 -15.85 5.41
C GLY A 64 15.62 -14.58 4.94
N GLY A 65 16.15 -13.45 5.37
CA GLY A 65 15.59 -12.19 4.92
C GLY A 65 14.71 -11.47 5.92
N GLU A 66 14.17 -12.18 6.90
CA GLU A 66 13.34 -11.54 7.90
C GLU A 66 14.18 -10.66 8.81
N ALA A 67 13.67 -9.49 9.15
CA ALA A 67 14.39 -8.60 10.04
C ALA A 67 13.37 -7.77 10.80
N VAL A 68 13.76 -7.42 12.03
CA VAL A 68 12.92 -6.63 12.93
C VAL A 68 13.53 -5.25 13.13
N HIS A 69 12.65 -4.24 13.10
CA HIS A 69 13.07 -2.85 13.26
C HIS A 69 12.25 -2.16 14.33
N GLU A 70 12.90 -1.35 15.16
CA GLU A 70 12.18 -0.60 16.16
C GLU A 70 11.77 0.72 15.52
N VAL A 71 10.66 1.29 15.99
CA VAL A 71 10.19 2.56 15.46
C VAL A 71 10.75 3.71 16.29
N GLU A 72 11.27 4.72 15.61
CA GLU A 72 11.84 5.88 16.30
C GLU A 72 10.84 7.01 16.48
N VAL A 73 10.04 7.28 15.45
CA VAL A 73 9.06 8.35 15.52
C VAL A 73 7.78 7.87 14.86
N VAL A 74 6.64 8.19 15.48
CA VAL A 74 5.37 7.84 14.90
C VAL A 74 4.75 9.15 14.49
N ILE A 75 4.34 9.25 13.22
CA ILE A 75 3.73 10.48 12.76
C ILE A 75 2.32 10.10 12.31
N LYS A 76 1.36 10.42 13.18
CA LYS A 76 -0.05 10.12 12.93
C LYS A 76 -0.76 11.37 12.42
N HIS A 77 -1.61 11.22 11.40
CA HIS A 77 -2.30 12.38 10.90
C HIS A 77 -3.12 13.00 12.05
N ASN A 78 -2.95 14.28 12.28
CA ASN A 78 -3.65 14.96 13.35
C ASN A 78 -5.15 15.03 13.20
N ARG A 79 -5.68 14.80 12.00
CA ARG A 79 -7.14 14.85 11.85
C ARG A 79 -7.81 13.47 11.91
N PHE A 80 -7.03 12.42 12.15
CA PHE A 80 -7.66 11.11 12.26
C PHE A 80 -8.59 11.02 13.47
N THR A 81 -9.74 10.39 13.30
CA THR A 81 -10.64 10.19 14.42
C THR A 81 -11.40 8.91 14.15
N LYS A 82 -11.63 8.11 15.19
CA LYS A 82 -12.39 6.87 15.04
C LYS A 82 -13.87 7.15 14.77
N GLU A 83 -14.31 8.37 15.02
CA GLU A 83 -15.71 8.67 14.75
C GLU A 83 -16.05 8.46 13.26
N THR A 84 -15.12 8.84 12.38
CA THR A 84 -15.34 8.77 10.94
C THR A 84 -14.35 7.88 10.18
N TYR A 85 -13.23 7.57 10.83
CA TYR A 85 -12.14 6.83 10.20
C TYR A 85 -11.50 7.63 9.05
N ASP A 86 -11.76 8.93 9.02
CA ASP A 86 -11.22 9.76 7.96
C ASP A 86 -9.74 10.03 8.32
N PHE A 87 -8.93 10.40 7.32
CA PHE A 87 -7.49 10.68 7.51
C PHE A 87 -6.77 9.48 8.18
N ASP A 88 -7.10 8.27 7.73
CA ASP A 88 -6.52 7.07 8.38
C ASP A 88 -5.15 6.76 7.80
N ILE A 89 -4.17 7.55 8.24
CA ILE A 89 -2.84 7.43 7.74
C ILE A 89 -1.81 7.83 8.79
N ALA A 90 -0.68 7.12 8.76
CA ALA A 90 0.43 7.39 9.66
C ALA A 90 1.70 6.97 8.97
N VAL A 91 2.79 7.64 9.33
CA VAL A 91 4.10 7.29 8.80
C VAL A 91 4.98 6.94 10.02
N LEU A 92 5.78 5.87 9.89
CA LEU A 92 6.68 5.44 10.97
C LEU A 92 8.13 5.66 10.52
N ARG A 93 8.94 6.38 11.31
CA ARG A 93 10.36 6.50 10.97
C ARG A 93 11.04 5.45 11.86
N LEU A 94 11.80 4.56 11.24
CA LEU A 94 12.49 3.47 11.96
C LEU A 94 13.81 3.96 12.57
N LYS A 95 14.24 3.31 13.65
CA LYS A 95 15.50 3.71 14.30
C LYS A 95 16.70 3.40 13.43
N THR A 96 16.63 2.30 12.69
CA THR A 96 17.73 1.88 11.82
C THR A 96 17.20 1.63 10.42
N PRO A 97 18.00 1.91 9.39
CA PRO A 97 17.58 1.71 7.99
C PRO A 97 17.41 0.27 7.55
N ILE A 98 16.41 0.06 6.69
CA ILE A 98 16.12 -1.25 6.15
C ILE A 98 17.11 -1.53 5.03
N THR A 99 17.62 -2.76 4.96
CA THR A 99 18.54 -3.11 3.88
C THR A 99 17.68 -3.78 2.86
N PHE A 100 17.59 -3.23 1.66
CA PHE A 100 16.73 -3.85 0.65
C PHE A 100 17.36 -5.14 0.17
N ARG A 101 16.51 -6.10 -0.18
CA ARG A 101 16.98 -7.40 -0.62
C ARG A 101 15.79 -8.17 -1.18
N MET A 102 16.00 -9.45 -1.47
CA MET A 102 14.91 -10.28 -1.99
C MET A 102 13.80 -10.16 -0.92
N ASN A 103 12.58 -9.89 -1.37
CA ASN A 103 11.42 -9.76 -0.46
C ASN A 103 11.37 -8.51 0.44
N VAL A 104 12.24 -7.54 0.19
CA VAL A 104 12.27 -6.29 0.97
C VAL A 104 12.70 -5.12 0.08
N ALA A 105 11.70 -4.41 -0.46
CA ALA A 105 11.95 -3.30 -1.35
C ALA A 105 10.76 -2.36 -1.21
N PRO A 106 10.98 -1.06 -1.44
CA PRO A 106 9.87 -0.11 -1.32
C PRO A 106 8.94 -0.06 -2.52
N ALA A 107 7.72 0.39 -2.26
CA ALA A 107 6.73 0.57 -3.33
C ALA A 107 6.94 2.03 -3.74
N CYS A 108 6.63 2.38 -4.99
CA CYS A 108 6.85 3.76 -5.40
C CYS A 108 5.75 4.72 -5.03
N LEU A 109 6.11 5.95 -4.70
CA LEU A 109 5.11 6.99 -4.43
C LEU A 109 4.95 7.71 -5.80
N PRO A 110 3.70 7.84 -6.27
CA PRO A 110 3.42 8.51 -7.55
C PRO A 110 3.28 10.02 -7.40
N GLU A 111 3.22 10.74 -8.52
CA GLU A 111 3.03 12.19 -8.52
C GLU A 111 1.51 12.33 -8.39
N ARG A 112 1.04 13.32 -7.65
CA ARG A 112 -0.39 13.47 -7.39
C ARG A 112 -1.34 13.54 -8.58
N ASP A 113 -1.17 14.56 -9.43
CA ASP A 113 -2.06 14.71 -10.56
C ASP A 113 -2.10 13.50 -11.49
N TRP A 114 -0.93 12.93 -11.77
CA TRP A 114 -0.83 11.76 -12.63
C TRP A 114 -1.50 10.56 -11.98
N ALA A 115 -1.34 10.42 -10.66
CA ALA A 115 -1.95 9.29 -9.97
C ALA A 115 -3.47 9.37 -10.06
N GLU A 116 -4.00 10.57 -9.86
CA GLU A 116 -5.45 10.80 -9.91
C GLU A 116 -6.04 10.46 -11.27
N SER A 117 -5.37 10.90 -12.32
CA SER A 117 -5.86 10.68 -13.66
C SER A 117 -5.43 9.39 -14.34
N THR A 118 -4.29 8.83 -13.94
CA THR A 118 -3.80 7.62 -14.58
C THR A 118 -3.80 6.34 -13.73
N LEU A 119 -3.40 6.43 -12.47
CA LEU A 119 -3.39 5.25 -11.60
C LEU A 119 -4.76 4.89 -11.06
N MET A 120 -5.45 5.88 -10.50
CA MET A 120 -6.77 5.66 -9.92
C MET A 120 -7.81 5.29 -10.98
N THR A 121 -7.43 5.35 -12.25
CA THR A 121 -8.39 5.00 -13.32
C THR A 121 -8.15 3.62 -13.90
N GLN A 122 -7.17 2.90 -13.36
CA GLN A 122 -6.87 1.54 -13.81
C GLN A 122 -8.00 0.63 -13.32
N LYS A 123 -8.12 -0.55 -13.90
CA LYS A 123 -9.19 -1.44 -13.49
C LYS A 123 -8.99 -2.06 -12.10
N THR A 124 -7.78 -2.49 -11.80
CA THR A 124 -7.57 -3.14 -10.51
C THR A 124 -6.31 -2.74 -9.75
N GLY A 125 -6.29 -3.13 -8.48
CA GLY A 125 -5.14 -2.86 -7.64
C GLY A 125 -4.85 -4.16 -6.94
N ILE A 126 -3.76 -4.21 -6.17
CA ILE A 126 -3.40 -5.41 -5.46
C ILE A 126 -3.28 -5.14 -3.96
N VAL A 127 -3.98 -5.93 -3.15
CA VAL A 127 -3.88 -5.76 -1.69
C VAL A 127 -3.22 -7.02 -1.12
N SER A 128 -2.51 -6.87 -0.02
CA SER A 128 -1.85 -8.03 0.56
C SER A 128 -1.75 -7.90 2.08
N GLY A 129 -1.50 -9.01 2.74
CA GLY A 129 -1.33 -9.00 4.18
C GLY A 129 -1.48 -10.36 4.83
N PHE A 130 -1.32 -10.34 6.15
CA PHE A 130 -1.40 -11.52 7.00
C PHE A 130 -2.69 -11.54 7.80
N GLY A 131 -3.71 -10.80 7.37
CA GLY A 131 -4.96 -10.74 8.12
C GLY A 131 -5.85 -11.97 8.08
N ARG A 132 -7.01 -11.87 8.72
CA ARG A 132 -7.97 -12.98 8.76
C ARG A 132 -8.30 -13.50 7.37
N THR A 133 -8.48 -14.83 7.28
CA THR A 133 -8.79 -15.48 6.01
C THR A 133 -10.31 -15.63 5.85
N HIS A 134 -11.03 -15.22 6.88
CA HIS A 134 -12.49 -15.23 6.87
C HIS A 134 -12.93 -14.22 7.93
N GLU A 135 -14.11 -13.63 7.77
CA GLU A 135 -14.56 -12.67 8.76
C GLU A 135 -14.53 -13.36 10.13
N LYS A 136 -13.95 -12.70 11.11
CA LYS A 136 -13.88 -13.28 12.45
C LYS A 136 -13.16 -14.64 12.51
N GLY A 137 -12.41 -14.98 11.47
CA GLY A 137 -11.65 -16.23 11.44
C GLY A 137 -10.20 -15.97 11.85
N ARG A 138 -9.34 -16.99 11.76
CA ARG A 138 -7.95 -16.80 12.17
C ARG A 138 -7.10 -16.03 11.16
N GLN A 139 -6.08 -15.34 11.67
CA GLN A 139 -5.19 -14.61 10.80
C GLN A 139 -4.34 -15.61 10.05
N SER A 140 -3.93 -15.22 8.85
CA SER A 140 -3.12 -16.09 8.00
C SER A 140 -1.67 -16.17 8.50
N THR A 141 -1.08 -17.35 8.46
CA THR A 141 0.32 -17.45 8.87
C THR A 141 1.20 -17.19 7.65
N ARG A 142 0.59 -17.12 6.47
CA ARG A 142 1.31 -16.87 5.23
C ARG A 142 0.89 -15.54 4.59
N LEU A 143 1.84 -14.87 3.92
CA LEU A 143 1.52 -13.60 3.27
C LEU A 143 0.65 -13.88 2.05
N LYS A 144 -0.50 -13.20 1.97
CA LYS A 144 -1.43 -13.39 0.86
C LYS A 144 -1.60 -12.10 0.09
N MET A 145 -2.05 -12.23 -1.16
CA MET A 145 -2.30 -11.06 -1.99
C MET A 145 -3.64 -11.30 -2.72
N LEU A 146 -4.23 -10.22 -3.19
CA LEU A 146 -5.51 -10.33 -3.85
C LEU A 146 -5.68 -9.18 -4.81
N GLU A 147 -6.08 -9.50 -6.04
CA GLU A 147 -6.34 -8.46 -7.01
C GLU A 147 -7.75 -7.95 -6.73
N VAL A 148 -7.89 -6.64 -6.57
CA VAL A 148 -9.20 -6.07 -6.30
C VAL A 148 -9.54 -4.95 -7.25
N PRO A 149 -10.71 -5.03 -7.88
CA PRO A 149 -11.14 -3.99 -8.83
C PRO A 149 -11.48 -2.69 -8.09
N TYR A 150 -11.12 -1.55 -8.69
CA TYR A 150 -11.53 -0.26 -8.15
C TYR A 150 -13.06 -0.25 -8.27
N VAL A 151 -13.71 0.34 -7.29
CA VAL A 151 -15.18 0.41 -7.29
C VAL A 151 -15.62 1.87 -7.39
N ASP A 152 -16.63 2.16 -8.22
CA ASP A 152 -17.15 3.53 -8.39
C ASP A 152 -17.50 4.12 -7.03
N ARG A 153 -17.05 5.34 -6.76
CA ARG A 153 -17.30 5.99 -5.48
C ARG A 153 -18.80 6.08 -5.15
N ASN A 154 -19.65 6.34 -6.15
CA ASN A 154 -21.06 6.45 -5.83
C ASN A 154 -21.69 5.12 -5.50
N SER A 155 -21.34 4.06 -6.22
CA SER A 155 -21.88 2.72 -5.91
C SER A 155 -21.45 2.36 -4.47
N CYS A 156 -20.21 2.69 -4.16
CA CYS A 156 -19.71 2.41 -2.82
C CYS A 156 -20.48 3.17 -1.75
N LYS A 157 -20.72 4.46 -1.96
CA LYS A 157 -21.46 5.21 -0.97
C LYS A 157 -22.85 4.60 -0.78
N LEU A 158 -23.50 4.18 -1.85
CA LEU A 158 -24.84 3.60 -1.70
C LEU A 158 -24.79 2.31 -0.89
N SER A 159 -23.70 1.57 -1.02
CA SER A 159 -23.55 0.29 -0.31
C SER A 159 -23.13 0.40 1.16
N SER A 160 -22.62 1.57 1.54
CA SER A 160 -22.06 1.76 2.88
C SER A 160 -22.91 2.36 4.01
N SER A 161 -22.78 1.80 5.21
CA SER A 161 -23.51 2.31 6.37
C SER A 161 -22.88 3.61 6.82
N PHE A 162 -21.60 3.79 6.48
CA PHE A 162 -20.84 4.95 6.88
C PHE A 162 -20.42 5.84 5.73
N ILE A 163 -20.14 7.08 6.08
CA ILE A 163 -19.72 8.08 5.08
C ILE A 163 -18.36 7.76 4.43
N ILE A 164 -18.33 7.81 3.11
CA ILE A 164 -17.10 7.58 2.36
C ILE A 164 -16.60 8.99 2.03
N THR A 165 -15.43 9.37 2.52
CA THR A 165 -14.90 10.71 2.29
C THR A 165 -13.96 10.75 1.11
N GLN A 166 -13.57 11.96 0.70
CA GLN A 166 -12.67 12.10 -0.43
C GLN A 166 -11.28 11.53 -0.09
N ASN A 167 -11.00 11.28 1.19
CA ASN A 167 -9.71 10.72 1.59
C ASN A 167 -9.73 9.19 1.56
N MET A 168 -10.82 8.63 1.05
CA MET A 168 -10.98 7.18 0.95
C MET A 168 -11.38 6.80 -0.47
N PHE A 169 -11.22 5.51 -0.80
CA PHE A 169 -11.72 4.97 -2.06
C PHE A 169 -12.10 3.52 -1.79
N CYS A 170 -12.95 2.98 -2.66
CA CYS A 170 -13.42 1.62 -2.46
C CYS A 170 -12.87 0.68 -3.49
N ALA A 171 -12.72 -0.57 -3.08
CA ALA A 171 -12.23 -1.57 -4.01
C ALA A 171 -12.71 -2.94 -3.57
N GLY A 172 -12.83 -3.85 -4.52
CA GLY A 172 -13.25 -5.17 -4.20
C GLY A 172 -14.40 -5.66 -5.06
N TYR A 173 -15.15 -6.58 -4.49
CA TYR A 173 -16.28 -7.23 -5.17
C TYR A 173 -17.59 -7.12 -4.44
N ASP A 174 -18.66 -6.99 -5.23
CA ASP A 174 -20.00 -6.91 -4.67
C ASP A 174 -20.37 -8.23 -3.96
N THR A 175 -20.30 -9.36 -4.68
CA THR A 175 -20.66 -10.64 -4.10
C THR A 175 -19.59 -11.74 -4.05
N LYS A 176 -18.61 -11.67 -4.94
CA LYS A 176 -17.54 -12.67 -4.97
C LYS A 176 -16.88 -12.67 -3.59
N GLN A 177 -16.63 -13.85 -3.04
CA GLN A 177 -16.07 -13.95 -1.70
C GLN A 177 -14.57 -13.75 -1.59
N GLU A 178 -14.12 -12.54 -1.89
CA GLU A 178 -12.70 -12.17 -1.81
C GLU A 178 -12.63 -10.74 -1.31
N ASP A 179 -11.73 -10.47 -0.38
CA ASP A 179 -11.63 -9.12 0.17
C ASP A 179 -10.45 -9.07 1.13
N ALA A 180 -10.07 -7.87 1.55
CA ALA A 180 -9.02 -7.77 2.54
C ALA A 180 -9.82 -7.96 3.82
N CYS A 181 -9.15 -8.08 4.95
CA CYS A 181 -9.90 -8.27 6.17
C CYS A 181 -9.12 -7.68 7.34
N GLN A 182 -9.70 -7.75 8.52
CA GLN A 182 -9.07 -7.23 9.71
C GLN A 182 -7.72 -7.91 9.83
N GLY A 183 -6.69 -7.14 10.18
CA GLY A 183 -5.36 -7.69 10.29
C GLY A 183 -4.53 -7.32 9.08
N ASP A 184 -5.21 -7.07 7.97
CA ASP A 184 -4.55 -6.62 6.74
C ASP A 184 -4.48 -5.11 6.85
N SER A 185 -5.31 -4.55 7.74
CA SER A 185 -5.38 -3.12 8.03
C SER A 185 -4.00 -2.47 8.10
N GLY A 186 -3.82 -1.31 7.46
CA GLY A 186 -2.56 -0.59 7.49
C GLY A 186 -1.62 -0.99 6.37
N GLY A 187 -1.95 -2.14 5.77
CA GLY A 187 -1.14 -2.73 4.71
C GLY A 187 -1.29 -2.06 3.37
N PRO A 188 -0.52 -2.54 2.41
CA PRO A 188 -0.53 -1.97 1.06
C PRO A 188 -1.62 -2.30 0.09
N HIS A 189 -1.96 -1.27 -0.68
CA HIS A 189 -2.85 -1.40 -1.82
C HIS A 189 -1.95 -0.71 -2.86
N VAL A 190 -1.53 -1.49 -3.85
CA VAL A 190 -0.67 -0.96 -4.91
C VAL A 190 -1.35 -1.18 -6.26
N THR A 191 -0.96 -0.34 -7.21
CA THR A 191 -1.52 -0.39 -8.55
C THR A 191 -0.35 -0.44 -9.51
N ARG A 192 -0.36 -1.42 -10.40
CA ARG A 192 0.72 -1.54 -11.38
C ARG A 192 0.44 -0.67 -12.58
N PHE A 193 1.47 0.02 -13.03
CA PHE A 193 1.36 0.81 -14.25
C PHE A 193 2.54 0.33 -15.05
N LYS A 194 2.25 -0.23 -16.21
CA LYS A 194 3.29 -0.79 -17.06
C LYS A 194 4.00 -1.83 -16.20
N ASP A 195 5.26 -1.62 -15.83
CA ASP A 195 5.90 -2.65 -15.00
C ASP A 195 6.40 -2.12 -13.66
N THR A 196 5.71 -1.13 -13.11
CA THR A 196 6.09 -0.56 -11.83
C THR A 196 4.85 -0.50 -10.93
N TYR A 197 5.03 -0.85 -9.66
CA TYR A 197 3.94 -0.84 -8.70
C TYR A 197 4.04 0.42 -7.86
N PHE A 198 2.92 1.16 -7.79
CA PHE A 198 2.82 2.42 -7.06
C PHE A 198 1.87 2.25 -5.88
N VAL A 199 2.20 2.81 -4.71
CA VAL A 199 1.28 2.64 -3.61
C VAL A 199 0.13 3.64 -3.84
N THR A 200 -1.10 3.11 -3.79
CA THR A 200 -2.29 3.90 -4.03
C THR A 200 -3.25 3.90 -2.85
N GLY A 201 -3.13 2.91 -1.97
CA GLY A 201 -4.03 2.90 -0.83
C GLY A 201 -3.46 2.23 0.41
N ILE A 202 -4.14 2.45 1.53
CA ILE A 202 -3.78 1.84 2.80
C ILE A 202 -5.04 1.08 3.21
N VAL A 203 -4.94 -0.21 3.51
CA VAL A 203 -6.12 -0.98 3.91
C VAL A 203 -6.69 -0.28 5.14
N SER A 204 -7.97 0.12 5.10
CA SER A 204 -8.51 0.89 6.21
C SER A 204 -9.65 0.22 6.95
N TRP A 205 -10.78 0.02 6.30
CA TRP A 205 -11.90 -0.63 7.00
C TRP A 205 -12.92 -1.25 6.06
N GLY A 206 -13.85 -1.98 6.64
CA GLY A 206 -14.89 -2.61 5.87
C GLY A 206 -15.94 -3.11 6.84
N GLU A 207 -17.17 -3.30 6.37
CA GLU A 207 -18.25 -3.84 7.20
C GLU A 207 -18.15 -5.35 7.01
N GLY A 208 -17.60 -6.03 8.02
CA GLY A 208 -17.37 -7.46 7.90
C GLY A 208 -16.21 -7.65 6.94
N CYS A 209 -16.12 -8.82 6.32
CA CYS A 209 -15.09 -9.09 5.31
C CYS A 209 -15.76 -9.88 4.23
N ALA A 210 -15.59 -9.44 2.98
CA ALA A 210 -16.19 -10.11 1.83
C ALA A 210 -17.71 -10.24 1.92
N ARG A 211 -18.37 -9.35 2.65
CA ARG A 211 -19.84 -9.43 2.74
C ARG A 211 -20.51 -9.07 1.41
N LYS A 212 -21.61 -9.76 1.10
CA LYS A 212 -22.35 -9.45 -0.12
C LYS A 212 -22.84 -8.01 -0.03
N GLY A 213 -22.65 -7.26 -1.10
CA GLY A 213 -23.11 -5.87 -1.14
C GLY A 213 -22.25 -4.86 -0.39
N LYS A 214 -21.05 -5.26 0.05
CA LYS A 214 -20.13 -4.38 0.76
C LYS A 214 -18.75 -4.45 0.10
N TYR A 215 -17.98 -3.38 0.18
CA TYR A 215 -16.66 -3.32 -0.42
C TYR A 215 -15.58 -3.02 0.61
N GLY A 216 -14.33 -3.04 0.17
CA GLY A 216 -13.22 -2.73 1.05
C GLY A 216 -12.95 -1.22 0.94
N ILE A 217 -12.67 -0.55 2.06
CA ILE A 217 -12.41 0.89 2.04
C ILE A 217 -10.94 1.13 2.36
N TYR A 218 -10.32 1.93 1.52
CA TYR A 218 -8.91 2.25 1.60
C TYR A 218 -8.65 3.71 1.73
N THR A 219 -7.59 4.06 2.46
CA THR A 219 -7.21 5.46 2.55
C THR A 219 -6.64 5.80 1.17
N LYS A 220 -7.06 6.92 0.61
CA LYS A 220 -6.58 7.33 -0.73
C LYS A 220 -5.23 8.03 -0.59
N VAL A 221 -4.16 7.32 -0.91
CA VAL A 221 -2.84 7.88 -0.75
C VAL A 221 -2.59 9.16 -1.56
N THR A 222 -3.21 9.28 -2.74
CA THR A 222 -2.99 10.50 -3.54
C THR A 222 -3.41 11.75 -2.78
N ALA A 223 -4.38 11.64 -1.88
CA ALA A 223 -4.81 12.82 -1.13
C ALA A 223 -3.80 13.24 -0.09
N PHE A 224 -2.86 12.36 0.22
CA PHE A 224 -1.87 12.65 1.24
C PHE A 224 -0.43 12.68 0.75
N LEU A 225 -0.21 12.73 -0.56
CA LEU A 225 1.17 12.72 -1.05
C LEU A 225 2.02 13.87 -0.50
N LYS A 226 1.46 15.07 -0.38
CA LYS A 226 2.26 16.17 0.18
C LYS A 226 2.50 15.99 1.68
N TRP A 227 1.51 15.43 2.35
CA TRP A 227 1.61 15.18 3.80
C TRP A 227 2.70 14.12 4.05
N ILE A 228 2.73 13.11 3.19
CA ILE A 228 3.71 12.04 3.32
C ILE A 228 5.10 12.63 3.08
N ASP A 229 5.24 13.41 2.01
CA ASP A 229 6.55 14.00 1.71
C ASP A 229 7.03 14.88 2.89
N ARG A 230 6.14 15.69 3.44
CA ARG A 230 6.54 16.53 4.55
C ARG A 230 6.95 15.66 5.75
N SER A 231 6.13 14.64 6.03
CA SER A 231 6.39 13.72 7.14
C SER A 231 7.71 12.96 6.97
N MET A 232 8.07 12.66 5.73
CA MET A 232 9.30 11.93 5.48
C MET A 232 10.56 12.78 5.51
N LYS A 233 10.41 14.10 5.59
CA LYS A 233 11.56 14.98 5.63
C LYS A 233 11.72 15.50 7.06
N THR A 234 11.46 14.61 8.02
CA THR A 234 11.55 14.90 9.44
C THR A 234 11.08 16.31 9.75
N ARG A 235 9.88 16.59 9.53
N CYS B 4 -1.40 13.60 -22.61
CA CYS B 4 -1.09 12.36 -21.83
C CYS B 4 -2.32 11.46 -21.82
N SER B 5 -3.42 11.97 -22.38
CA SER B 5 -4.70 11.27 -22.46
C SER B 5 -4.67 9.82 -22.94
N LEU B 6 -3.78 9.49 -23.88
CA LEU B 6 -3.74 8.11 -24.34
C LEU B 6 -2.33 7.63 -24.55
N ASP B 7 -2.09 6.38 -24.15
CA ASP B 7 -0.77 5.79 -24.28
C ASP B 7 0.18 6.45 -23.27
N ASN B 8 -0.37 7.30 -22.40
CA ASN B 8 0.40 7.97 -21.35
C ASN B 8 1.58 8.79 -21.92
N GLY B 9 1.39 9.33 -23.12
CA GLY B 9 2.42 10.10 -23.77
C GLY B 9 3.60 9.22 -24.10
N ASP B 10 3.37 7.90 -24.14
CA ASP B 10 4.41 6.94 -24.42
C ASP B 10 5.41 6.89 -23.27
N CYS B 11 5.02 7.47 -22.13
CA CYS B 11 5.89 7.49 -20.96
C CYS B 11 5.82 6.18 -20.18
N ASP B 12 6.97 5.75 -19.66
CA ASP B 12 7.05 4.51 -18.89
C ASP B 12 6.44 4.70 -17.50
N GLN B 13 6.62 5.89 -16.95
CA GLN B 13 6.07 6.20 -15.64
C GLN B 13 5.23 7.46 -15.68
N PHE B 14 5.75 8.57 -15.19
CA PHE B 14 4.94 9.79 -15.16
C PHE B 14 4.87 10.57 -16.49
N CYS B 15 3.72 11.18 -16.76
CA CYS B 15 3.49 12.00 -17.96
C CYS B 15 2.79 13.28 -17.56
N HIS B 16 3.29 14.40 -18.05
CA HIS B 16 2.68 15.70 -17.78
C HIS B 16 2.72 16.49 -19.08
N GLU B 17 1.79 17.42 -19.25
CA GLU B 17 1.73 18.26 -20.45
C GLU B 17 2.36 19.62 -20.12
N GLU B 18 3.59 19.84 -20.54
CA GLU B 18 4.25 21.11 -20.29
C GLU B 18 4.28 21.90 -21.58
N GLN B 19 3.45 22.94 -21.66
CA GLN B 19 3.37 23.79 -22.85
C GLN B 19 2.92 22.95 -24.05
N ASN B 20 1.66 22.52 -24.02
CA ASN B 20 1.09 21.71 -25.09
C ASN B 20 2.09 20.69 -25.64
N SER B 21 2.84 20.07 -24.73
CA SER B 21 3.87 19.08 -25.08
C SER B 21 4.05 18.06 -23.96
N VAL B 22 4.24 16.80 -24.34
CA VAL B 22 4.44 15.70 -23.39
C VAL B 22 5.82 15.68 -22.75
N VAL B 23 5.83 15.51 -21.44
CA VAL B 23 7.06 15.44 -20.66
C VAL B 23 6.97 14.23 -19.74
N CYS B 24 7.83 13.25 -19.97
CA CYS B 24 7.87 12.05 -19.15
C CYS B 24 8.82 12.29 -17.97
N SER B 25 8.58 11.58 -16.86
CA SER B 25 9.46 11.69 -15.70
C SER B 25 9.35 10.38 -14.90
N CYS B 26 10.20 10.20 -13.90
CA CYS B 26 10.19 8.97 -13.15
C CYS B 26 10.22 9.14 -11.63
N ALA B 27 9.90 8.05 -10.94
CA ALA B 27 9.89 8.05 -9.48
C ALA B 27 11.32 8.17 -8.94
N ARG B 28 11.46 8.51 -7.66
CA ARG B 28 12.78 8.60 -7.07
C ARG B 28 13.43 7.22 -7.25
N GLY B 29 14.75 7.17 -7.45
CA GLY B 29 15.42 5.89 -7.65
C GLY B 29 15.51 5.45 -9.11
N TYR B 30 15.00 6.31 -10.00
CA TYR B 30 15.01 6.06 -11.44
C TYR B 30 15.53 7.30 -12.16
N THR B 31 16.00 7.10 -13.39
CA THR B 31 16.51 8.17 -14.22
C THR B 31 15.84 8.01 -15.58
N LEU B 32 15.46 9.12 -16.18
CA LEU B 32 14.81 9.08 -17.49
C LEU B 32 15.84 8.62 -18.52
N ALA B 33 15.45 7.67 -19.36
CA ALA B 33 16.33 7.13 -20.40
C ALA B 33 16.59 8.10 -21.55
N ASP B 34 17.62 7.79 -22.34
CA ASP B 34 17.99 8.61 -23.49
C ASP B 34 16.78 8.94 -24.36
N ASN B 35 15.95 7.94 -24.65
CA ASN B 35 14.75 8.16 -25.47
C ASN B 35 13.79 9.14 -24.79
N GLY B 36 14.06 9.45 -23.53
CA GLY B 36 13.22 10.39 -22.80
C GLY B 36 11.82 9.86 -22.51
N LYS B 37 11.68 8.54 -22.51
CA LYS B 37 10.38 7.92 -22.24
C LYS B 37 10.54 6.81 -21.21
N ALA B 38 11.57 6.01 -21.35
CA ALA B 38 11.81 4.91 -20.43
C ALA B 38 12.43 5.41 -19.13
N CYS B 39 12.31 4.60 -18.08
CA CYS B 39 12.87 4.94 -16.79
C CYS B 39 13.92 3.90 -16.48
N ILE B 40 15.07 4.35 -16.03
CA ILE B 40 16.17 3.45 -15.73
C ILE B 40 16.49 3.48 -14.24
N PRO B 41 16.43 2.32 -13.57
CA PRO B 41 16.70 2.18 -12.14
C PRO B 41 18.14 2.57 -11.85
N THR B 42 18.38 3.12 -10.67
CA THR B 42 19.74 3.51 -10.30
C THR B 42 20.40 2.44 -9.45
N GLY B 43 19.60 1.65 -8.75
CA GLY B 43 20.17 0.61 -7.90
C GLY B 43 19.55 -0.76 -8.16
N PRO B 44 19.96 -1.76 -7.37
CA PRO B 44 19.50 -3.15 -7.47
C PRO B 44 18.06 -3.37 -6.97
N TYR B 45 17.59 -2.48 -6.11
CA TYR B 45 16.23 -2.58 -5.56
C TYR B 45 15.43 -1.30 -5.73
N PRO B 46 15.15 -0.91 -6.98
CA PRO B 46 14.39 0.33 -7.21
C PRO B 46 12.94 0.13 -6.75
N CYS B 47 12.29 1.22 -6.36
CA CYS B 47 10.93 1.12 -5.88
C CYS B 47 9.97 0.53 -6.91
N GLY B 48 8.93 -0.12 -6.39
CA GLY B 48 7.90 -0.66 -7.24
C GLY B 48 8.22 -1.86 -8.11
N LYS B 49 9.36 -2.49 -7.90
CA LYS B 49 9.71 -3.65 -8.71
C LYS B 49 9.73 -4.88 -7.84
N GLN B 50 9.15 -5.95 -8.35
CA GLN B 50 9.16 -7.19 -7.62
C GLN B 50 10.61 -7.70 -7.65
N THR B 51 11.03 -8.35 -6.58
CA THR B 51 12.42 -8.83 -6.50
C THR B 51 12.68 -10.22 -7.07
N LEU B 52 13.84 -10.39 -7.69
CA LEU B 52 14.23 -11.67 -8.27
C LEU B 52 15.53 -12.17 -7.61
N GLU B 53 15.72 -13.49 -7.56
CA GLU B 53 16.94 -14.03 -6.98
C GLU B 53 18.03 -14.03 -8.03
N ARG B 54 17.81 -14.64 -9.09
#